data_7XTX
#
_entry.id   7XTX
#
_cell.length_a   67.520
_cell.length_b   68.284
_cell.length_c   88.477
_cell.angle_alpha   90.000
_cell.angle_beta   90.000
_cell.angle_gamma   90.000
#
_symmetry.space_group_name_H-M   'P 21 21 21'
#
loop_
_entity.id
_entity.type
_entity.pdbx_description
1 polymer 'Macrophage migration inhibitory factor'
2 non-polymer 'SULFATE ION'
3 non-polymer 1,2-ETHANEDIOL
4 non-polymer 'ISOPROPYL ALCOHOL'
5 non-polymer 'N-(4-{[(2,4-DIAMINOPTERIDIN-1-IUM-6-YL)METHYL](METHYL)AMINO}BENZOYL)-L-GLUTAMIC ACID'
6 water water
#
_entity_poly.entity_id   1
_entity_poly.type   'polypeptide(L)'
_entity_poly.pdbx_seq_one_letter_code
;PMFIVNTNVPRASVPDGFLSELTQQLAQATGKPPQYIAVHVVPDQLMAFGGSSEPCALCSLHSIGKIGGAQNRSYSKLLC
GLLAERLRISPDRVYINYYDMNAANVGWNNSTFA
;
_entity_poly.pdbx_strand_id   A,B,C
#
# COMPACT_ATOMS: atom_id res chain seq x y z
N PRO A 1 -4.06 -15.40 0.82
CA PRO A 1 -4.60 -14.10 0.42
C PRO A 1 -4.35 -13.04 1.48
N MET A 2 -4.35 -11.77 1.07
CA MET A 2 -4.07 -10.66 1.96
C MET A 2 -5.05 -9.54 1.65
N PHE A 3 -5.74 -9.06 2.68
CA PHE A 3 -6.71 -7.99 2.53
C PHE A 3 -6.33 -6.84 3.44
N ILE A 4 -6.26 -5.64 2.87
CA ILE A 4 -5.89 -4.42 3.58
C ILE A 4 -7.01 -3.41 3.37
N VAL A 5 -7.44 -2.77 4.46
CA VAL A 5 -8.39 -1.68 4.37
CA VAL A 5 -8.44 -1.70 4.45
C VAL A 5 -7.80 -0.46 5.07
N ASN A 6 -7.77 0.65 4.35
N ASN A 6 -7.76 0.64 4.34
CA ASN A 6 -7.38 1.95 4.89
CA ASN A 6 -7.38 1.93 4.89
C ASN A 6 -8.63 2.81 4.94
C ASN A 6 -8.64 2.79 4.93
N THR A 7 -8.90 3.42 6.08
CA THR A 7 -10.14 4.16 6.25
C THR A 7 -9.95 5.34 7.19
N ASN A 8 -10.77 6.36 6.97
CA ASN A 8 -10.85 7.50 7.89
C ASN A 8 -11.76 7.24 9.07
N VAL A 9 -12.46 6.10 9.09
CA VAL A 9 -13.26 5.77 10.28
C VAL A 9 -12.33 5.64 11.49
N PRO A 10 -12.68 6.19 12.65
CA PRO A 10 -11.75 6.14 13.78
C PRO A 10 -11.64 4.76 14.40
N ARG A 11 -10.52 4.52 15.08
CA ARG A 11 -10.23 3.21 15.65
C ARG A 11 -11.37 2.71 16.55
N ALA A 12 -11.94 3.60 17.37
CA ALA A 12 -12.98 3.18 18.30
C ALA A 12 -14.25 2.71 17.59
N SER A 13 -14.42 3.08 16.31
CA SER A 13 -15.57 2.64 15.55
C SER A 13 -15.34 1.34 14.79
N VAL A 14 -14.15 0.75 14.91
CA VAL A 14 -13.89 -0.59 14.38
C VAL A 14 -14.32 -1.59 15.44
N PRO A 15 -15.34 -2.40 15.21
CA PRO A 15 -15.86 -3.25 16.28
C PRO A 15 -14.93 -4.41 16.61
N ASP A 16 -14.99 -4.84 17.86
CA ASP A 16 -14.32 -6.07 18.25
C ASP A 16 -14.76 -7.20 17.33
N GLY A 17 -13.82 -8.02 16.90
CA GLY A 17 -14.12 -9.14 16.05
C GLY A 17 -13.94 -8.87 14.57
N PHE A 18 -13.60 -7.66 14.17
CA PHE A 18 -13.59 -7.30 12.75
C PHE A 18 -12.54 -8.09 11.98
N LEU A 19 -11.31 -8.15 12.49
CA LEU A 19 -10.26 -8.88 11.78
C LEU A 19 -10.60 -10.37 11.68
N SER A 20 -11.19 -10.94 12.74
N SER A 20 -11.18 -10.92 12.75
CA SER A 20 -11.55 -12.35 12.68
CA SER A 20 -11.56 -12.34 12.74
C SER A 20 -12.66 -12.59 11.68
C SER A 20 -12.66 -12.60 11.72
N GLU A 21 -13.66 -11.72 11.64
CA GLU A 21 -14.73 -11.88 10.67
C GLU A 21 -14.19 -11.78 9.24
N LEU A 22 -13.30 -10.81 9.00
CA LEU A 22 -12.68 -10.71 7.68
C LEU A 22 -11.92 -11.97 7.33
N THR A 23 -11.16 -12.52 8.29
CA THR A 23 -10.38 -13.72 8.03
C THR A 23 -11.30 -14.88 7.64
N GLN A 24 -12.35 -15.10 8.44
CA GLN A 24 -13.24 -16.23 8.17
C GLN A 24 -13.97 -16.06 6.85
N GLN A 25 -14.51 -14.86 6.61
CA GLN A 25 -15.27 -14.64 5.40
C GLN A 25 -14.39 -14.68 4.16
N LEU A 26 -13.14 -14.24 4.25
CA LEU A 26 -12.25 -14.32 3.11
C LEU A 26 -11.79 -15.76 2.85
N ALA A 27 -11.56 -16.54 3.91
CA ALA A 27 -11.30 -17.96 3.71
C ALA A 27 -12.46 -18.61 2.98
N GLN A 28 -13.69 -18.32 3.41
CA GLN A 28 -14.86 -18.87 2.73
C GLN A 28 -14.95 -18.40 1.29
N ALA A 29 -14.72 -17.10 1.04
CA ALA A 29 -14.94 -16.55 -0.29
C ALA A 29 -13.86 -17.00 -1.28
N THR A 30 -12.60 -17.01 -0.85
CA THR A 30 -11.51 -17.40 -1.73
C THR A 30 -11.34 -18.91 -1.79
N GLY A 31 -11.91 -19.64 -0.85
CA GLY A 31 -11.69 -21.07 -0.76
C GLY A 31 -10.34 -21.47 -0.21
N LYS A 32 -9.53 -20.52 0.25
CA LYS A 32 -8.22 -20.83 0.80
C LYS A 32 -8.32 -21.07 2.31
N PRO A 33 -7.45 -21.90 2.89
CA PRO A 33 -7.53 -22.16 4.33
C PRO A 33 -7.33 -20.88 5.12
N PRO A 34 -8.03 -20.72 6.24
CA PRO A 34 -7.85 -19.49 7.03
C PRO A 34 -6.41 -19.29 7.49
N GLN A 35 -5.64 -20.38 7.60
CA GLN A 35 -4.25 -20.29 8.00
C GLN A 35 -3.44 -19.42 7.05
N TYR A 36 -3.87 -19.29 5.80
CA TYR A 36 -3.14 -18.52 4.80
C TYR A 36 -3.71 -17.11 4.60
N ILE A 37 -4.74 -16.72 5.34
CA ILE A 37 -5.38 -15.42 5.17
C ILE A 37 -4.73 -14.42 6.10
N ALA A 38 -4.29 -13.28 5.56
CA ALA A 38 -3.80 -12.15 6.34
C ALA A 38 -4.72 -10.96 6.13
N VAL A 39 -4.99 -10.24 7.22
CA VAL A 39 -5.89 -9.09 7.18
C VAL A 39 -5.25 -7.94 7.93
N HIS A 40 -5.54 -6.72 7.50
CA HIS A 40 -4.89 -5.52 8.03
C HIS A 40 -5.86 -4.38 7.90
N VAL A 41 -6.17 -3.70 9.00
CA VAL A 41 -7.09 -2.57 9.01
C VAL A 41 -6.36 -1.35 9.57
N VAL A 42 -6.45 -0.24 8.86
CA VAL A 42 -5.75 0.99 9.19
C VAL A 42 -6.77 2.11 9.32
N PRO A 43 -7.23 2.38 10.55
CA PRO A 43 -8.21 3.46 10.76
C PRO A 43 -7.57 4.81 10.92
N ASP A 44 -8.40 5.83 11.16
CA ASP A 44 -7.94 7.18 11.50
C ASP A 44 -7.15 7.86 10.39
N GLN A 45 -7.37 7.47 9.13
CA GLN A 45 -6.58 8.00 8.03
C GLN A 45 -7.12 9.33 7.52
N LEU A 46 -6.21 10.15 7.02
CA LEU A 46 -6.54 11.40 6.34
CA LEU A 46 -6.53 11.41 6.35
C LEU A 46 -6.81 11.06 4.88
N MET A 47 -8.08 10.99 4.52
CA MET A 47 -8.40 10.63 3.15
CA MET A 47 -8.46 10.55 3.18
C MET A 47 -9.70 11.30 2.72
N ALA A 48 -9.87 11.36 1.41
CA ALA A 48 -11.10 11.87 0.82
C ALA A 48 -11.45 10.99 -0.37
N PHE A 49 -12.74 10.94 -0.67
CA PHE A 49 -13.26 10.20 -1.80
C PHE A 49 -14.25 11.11 -2.51
N GLY A 50 -13.99 11.41 -3.78
CA GLY A 50 -14.90 12.22 -4.56
C GLY A 50 -15.09 13.63 -4.05
N GLY A 51 -14.09 14.18 -3.36
CA GLY A 51 -14.19 15.52 -2.82
C GLY A 51 -14.80 15.62 -1.44
N SER A 52 -15.09 14.49 -0.80
CA SER A 52 -15.74 14.46 0.51
C SER A 52 -14.90 13.64 1.48
N SER A 53 -14.80 14.13 2.71
N SER A 53 -14.78 14.12 2.72
CA SER A 53 -14.07 13.45 3.78
CA SER A 53 -14.06 13.36 3.73
C SER A 53 -14.99 12.63 4.69
C SER A 53 -14.99 12.63 4.69
N GLU A 54 -16.21 12.36 4.26
CA GLU A 54 -17.08 11.45 4.99
C GLU A 54 -16.48 10.04 4.92
N PRO A 55 -17.00 9.10 5.70
CA PRO A 55 -16.36 7.77 5.77
C PRO A 55 -16.17 7.14 4.39
N CYS A 56 -14.98 6.60 4.17
CA CYS A 56 -14.61 5.96 2.92
C CYS A 56 -13.54 4.92 3.21
N ALA A 57 -13.23 4.10 2.20
CA ALA A 57 -12.19 3.10 2.37
C ALA A 57 -11.47 2.85 1.06
N LEU A 58 -10.16 2.69 1.16
CA LEU A 58 -9.30 2.28 0.06
C LEU A 58 -8.66 0.96 0.45
N CYS A 59 -8.90 -0.08 -0.33
CA CYS A 59 -8.58 -1.44 0.08
C CYS A 59 -7.83 -2.16 -1.03
N SER A 60 -7.19 -3.25 -0.66
N SER A 60 -7.18 -3.26 -0.66
CA SER A 60 -6.60 -4.16 -1.64
CA SER A 60 -6.47 -4.14 -1.60
C SER A 60 -6.84 -5.59 -1.19
C SER A 60 -6.68 -5.60 -1.21
N LEU A 61 -6.97 -6.45 -2.19
CA LEU A 61 -6.98 -7.90 -2.00
C LEU A 61 -5.96 -8.50 -2.96
N HIS A 62 -4.94 -9.13 -2.40
CA HIS A 62 -3.89 -9.82 -3.15
C HIS A 62 -4.08 -11.32 -2.96
N SER A 63 -4.01 -12.08 -4.04
CA SER A 63 -4.15 -13.52 -3.94
C SER A 63 -3.38 -14.17 -5.08
N ILE A 64 -2.81 -15.34 -4.80
CA ILE A 64 -2.24 -16.17 -5.85
C ILE A 64 -3.41 -16.93 -6.47
N GLY A 65 -3.89 -16.46 -7.60
CA GLY A 65 -5.11 -17.00 -8.18
C GLY A 65 -6.34 -16.55 -7.39
N LYS A 66 -7.47 -17.13 -7.78
CA LYS A 66 -8.78 -16.81 -7.20
C LYS A 66 -9.18 -15.35 -7.46
N ILE A 67 -8.67 -14.78 -8.54
CA ILE A 67 -8.95 -13.40 -8.93
C ILE A 67 -9.47 -13.43 -10.36
N GLY A 68 -10.59 -12.76 -10.61
CA GLY A 68 -11.16 -12.71 -11.95
C GLY A 68 -12.44 -11.92 -11.94
N GLY A 69 -13.04 -11.77 -13.12
CA GLY A 69 -14.22 -10.92 -13.26
C GLY A 69 -15.35 -11.21 -12.29
N ALA A 70 -15.86 -12.44 -12.36
CA ALA A 70 -17.00 -12.80 -11.51
C ALA A 70 -16.57 -12.92 -10.05
N GLN A 71 -15.38 -13.51 -9.80
CA GLN A 71 -14.91 -13.63 -8.43
C GLN A 71 -14.75 -12.26 -7.80
N ASN A 72 -14.22 -11.30 -8.53
CA ASN A 72 -14.01 -9.97 -7.96
C ASN A 72 -15.33 -9.25 -7.71
N ARG A 73 -16.34 -9.46 -8.58
CA ARG A 73 -17.65 -8.91 -8.26
C ARG A 73 -18.19 -9.49 -6.94
N SER A 74 -18.01 -10.80 -6.74
CA SER A 74 -18.48 -11.44 -5.51
C SER A 74 -17.72 -10.93 -4.29
N TYR A 75 -16.40 -10.81 -4.39
CA TYR A 75 -15.62 -10.25 -3.30
C TYR A 75 -16.07 -8.84 -2.97
N SER A 76 -16.38 -8.04 -4.01
CA SER A 76 -16.74 -6.65 -3.77
C SER A 76 -18.08 -6.56 -3.05
N LYS A 77 -19.04 -7.42 -3.41
CA LYS A 77 -20.30 -7.43 -2.69
C LYS A 77 -20.09 -7.83 -1.23
N LEU A 78 -19.29 -8.88 -0.99
CA LEU A 78 -19.02 -9.33 0.37
C LEU A 78 -18.34 -8.25 1.19
N LEU A 79 -17.29 -7.65 0.64
CA LEU A 79 -16.45 -6.74 1.40
C LEU A 79 -17.09 -5.38 1.58
N CYS A 80 -17.73 -4.84 0.53
CA CYS A 80 -18.53 -3.63 0.72
C CYS A 80 -19.64 -3.86 1.74
N GLY A 81 -20.28 -5.05 1.71
CA GLY A 81 -21.28 -5.33 2.72
C GLY A 81 -20.73 -5.27 4.13
N LEU A 82 -19.55 -5.87 4.35
CA LEU A 82 -18.94 -5.83 5.67
C LEU A 82 -18.55 -4.42 6.08
N LEU A 83 -18.00 -3.64 5.13
CA LEU A 83 -17.59 -2.27 5.48
C LEU A 83 -18.80 -1.40 5.80
N ALA A 84 -19.90 -1.62 5.09
CA ALA A 84 -21.13 -0.88 5.40
C ALA A 84 -21.70 -1.29 6.75
N GLU A 85 -21.80 -2.60 7.01
CA GLU A 85 -22.43 -3.06 8.23
C GLU A 85 -21.58 -2.75 9.46
N ARG A 86 -20.27 -2.95 9.38
CA ARG A 86 -19.41 -2.84 10.54
C ARG A 86 -18.82 -1.46 10.72
N LEU A 87 -18.46 -0.78 9.62
CA LEU A 87 -17.81 0.52 9.70
C LEU A 87 -18.70 1.67 9.25
N ARG A 88 -19.91 1.37 8.79
CA ARG A 88 -20.88 2.38 8.34
C ARG A 88 -20.36 3.20 7.15
N ILE A 89 -19.60 2.55 6.27
CA ILE A 89 -19.08 3.19 5.07
C ILE A 89 -20.01 2.85 3.90
N SER A 90 -20.47 3.86 3.18
N SER A 90 -20.47 3.87 3.18
CA SER A 90 -21.32 3.61 2.04
CA SER A 90 -21.32 3.65 2.01
C SER A 90 -20.54 2.86 0.95
C SER A 90 -20.53 2.86 0.96
N PRO A 91 -21.14 1.86 0.32
CA PRO A 91 -20.39 1.08 -0.69
C PRO A 91 -19.90 1.90 -1.86
N ASP A 92 -20.55 3.01 -2.20
CA ASP A 92 -20.08 3.86 -3.28
C ASP A 92 -18.95 4.80 -2.87
N ARG A 93 -18.44 4.64 -1.65
CA ARG A 93 -17.26 5.37 -1.16
C ARG A 93 -16.14 4.39 -0.80
N VAL A 94 -16.11 3.25 -1.49
CA VAL A 94 -15.11 2.20 -1.30
C VAL A 94 -14.47 1.90 -2.65
N TYR A 95 -13.14 1.84 -2.67
CA TYR A 95 -12.42 1.22 -3.78
C TYR A 95 -11.66 0.00 -3.26
N ILE A 96 -11.69 -1.09 -4.02
CA ILE A 96 -10.92 -2.29 -3.70
C ILE A 96 -10.09 -2.63 -4.93
N ASN A 97 -8.77 -2.61 -4.80
CA ASN A 97 -7.91 -3.05 -5.89
C ASN A 97 -7.60 -4.53 -5.72
N TYR A 98 -7.81 -5.29 -6.78
CA TYR A 98 -7.55 -6.73 -6.79
C TYR A 98 -6.26 -7.02 -7.55
N TYR A 99 -5.43 -7.91 -6.98
CA TYR A 99 -4.14 -8.28 -7.55
C TYR A 99 -4.03 -9.79 -7.58
N ASP A 100 -3.91 -10.34 -8.77
CA ASP A 100 -3.60 -11.75 -8.99
C ASP A 100 -2.08 -11.87 -9.01
N MET A 101 -1.51 -12.34 -7.90
CA MET A 101 -0.05 -12.43 -7.77
C MET A 101 0.45 -13.75 -8.34
N ASN A 102 1.56 -13.68 -9.09
CA ASN A 102 2.28 -14.89 -9.46
C ASN A 102 2.93 -15.47 -8.21
N ALA A 103 2.94 -16.81 -8.11
CA ALA A 103 3.47 -17.46 -6.92
C ALA A 103 4.94 -17.10 -6.70
N ALA A 104 5.71 -16.91 -7.78
CA ALA A 104 7.11 -16.52 -7.63
C ALA A 104 7.29 -15.10 -7.12
N ASN A 105 6.23 -14.30 -7.12
CA ASN A 105 6.27 -12.91 -6.66
C ASN A 105 5.68 -12.72 -5.28
N VAL A 106 5.51 -13.79 -4.52
CA VAL A 106 5.05 -13.72 -3.14
C VAL A 106 6.06 -14.45 -2.25
N GLY A 107 6.76 -13.68 -1.42
CA GLY A 107 7.66 -14.25 -0.46
C GLY A 107 6.95 -14.64 0.83
N TRP A 108 7.45 -15.72 1.43
CA TRP A 108 6.89 -16.26 2.66
C TRP A 108 7.87 -17.30 3.17
N ASN A 109 8.11 -17.32 4.48
CA ASN A 109 8.90 -18.36 5.10
C ASN A 109 10.27 -18.56 4.43
N ASN A 110 10.98 -17.45 4.23
CA ASN A 110 12.35 -17.44 3.72
C ASN A 110 12.47 -17.82 2.25
N SER A 111 11.37 -17.99 1.53
CA SER A 111 11.41 -18.32 0.11
C SER A 111 10.20 -17.68 -0.56
N THR A 112 9.77 -18.21 -1.69
CA THR A 112 8.51 -17.79 -2.32
C THR A 112 7.55 -18.97 -2.35
N PHE A 113 6.35 -18.72 -2.88
CA PHE A 113 5.37 -19.78 -3.07
C PHE A 113 5.57 -20.53 -4.38
N ALA A 114 6.58 -20.19 -5.18
CA ALA A 114 6.78 -20.91 -6.43
C ALA A 114 7.01 -22.39 -6.20
N PRO B 1 14.86 1.03 -5.71
CA PRO B 1 14.01 0.01 -5.09
C PRO B 1 13.35 0.55 -3.84
N MET B 2 12.16 0.02 -3.52
N MET B 2 12.15 0.06 -3.56
CA MET B 2 11.34 0.52 -2.43
CA MET B 2 11.37 0.51 -2.41
C MET B 2 10.84 -0.67 -1.62
C MET B 2 10.92 -0.71 -1.63
N PHE B 3 11.14 -0.70 -0.31
CA PHE B 3 10.72 -1.78 0.57
C PHE B 3 9.86 -1.21 1.69
N ILE B 4 8.66 -1.79 1.86
CA ILE B 4 7.71 -1.37 2.87
C ILE B 4 7.38 -2.56 3.75
N VAL B 5 7.38 -2.37 5.05
CA VAL B 5 6.95 -3.40 5.99
C VAL B 5 5.89 -2.83 6.92
N ASN B 6 4.74 -3.48 6.97
N ASN B 6 4.75 -3.50 6.98
CA ASN B 6 3.68 -3.17 7.92
CA ASN B 6 3.66 -3.19 7.90
C ASN B 6 3.63 -4.31 8.92
C ASN B 6 3.59 -4.31 8.92
N THR B 7 3.59 -3.97 10.20
CA THR B 7 3.68 -5.02 11.23
C THR B 7 2.90 -4.60 12.46
N ASN B 8 2.40 -5.61 13.18
CA ASN B 8 1.80 -5.39 14.49
C ASN B 8 2.82 -5.29 15.62
N VAL B 9 4.10 -5.48 15.33
CA VAL B 9 5.15 -5.29 16.35
C VAL B 9 5.15 -3.83 16.78
N PRO B 10 5.28 -3.52 18.07
CA PRO B 10 5.21 -2.12 18.50
C PRO B 10 6.46 -1.34 18.14
N ARG B 11 6.29 -0.01 18.07
CA ARG B 11 7.38 0.87 17.65
C ARG B 11 8.64 0.68 18.50
N ALA B 12 8.48 0.54 19.81
CA ALA B 12 9.63 0.40 20.68
C ALA B 12 10.42 -0.86 20.43
N SER B 13 9.83 -1.85 19.76
CA SER B 13 10.52 -3.09 19.41
C SER B 13 11.22 -3.04 18.07
N VAL B 14 11.13 -1.92 17.35
CA VAL B 14 11.92 -1.72 16.14
C VAL B 14 13.26 -1.17 16.59
N PRO B 15 14.37 -1.88 16.37
CA PRO B 15 15.65 -1.45 16.94
C PRO B 15 16.23 -0.25 16.22
N ASP B 16 16.95 0.59 16.97
CA ASP B 16 17.70 1.67 16.37
C ASP B 16 18.60 1.13 15.27
N GLY B 17 18.68 1.87 14.15
CA GLY B 17 19.52 1.48 13.04
C GLY B 17 18.84 0.61 12.00
N PHE B 18 17.59 0.21 12.23
CA PHE B 18 16.94 -0.75 11.34
C PHE B 18 16.75 -0.21 9.93
N LEU B 19 16.32 1.05 9.78
CA LEU B 19 16.14 1.59 8.42
C LEU B 19 17.46 1.59 7.66
N SER B 20 18.56 1.90 8.35
N SER B 20 18.57 1.90 8.34
CA SER B 20 19.88 1.91 7.71
CA SER B 20 19.87 1.90 7.67
C SER B 20 20.31 0.51 7.31
C SER B 20 20.31 0.49 7.30
N GLU B 21 20.07 -0.48 8.19
CA GLU B 21 20.41 -1.86 7.86
C GLU B 21 19.62 -2.34 6.64
N LEU B 22 18.32 -2.04 6.60
CA LEU B 22 17.52 -2.39 5.42
C LEU B 22 18.07 -1.72 4.17
N THR B 23 18.39 -0.42 4.24
CA THR B 23 18.95 0.29 3.09
C THR B 23 20.19 -0.41 2.57
N GLN B 24 21.13 -0.72 3.48
CA GLN B 24 22.41 -1.30 3.09
C GLN B 24 22.22 -2.68 2.47
N GLN B 25 21.42 -3.54 3.12
CA GLN B 25 21.26 -4.90 2.65
C GLN B 25 20.48 -4.97 1.35
N LEU B 26 19.51 -4.06 1.17
CA LEU B 26 18.77 -4.03 -0.08
C LEU B 26 19.63 -3.48 -1.22
N ALA B 27 20.48 -2.49 -0.93
CA ALA B 27 21.44 -2.05 -1.95
C ALA B 27 22.28 -3.21 -2.43
N GLN B 28 22.86 -3.97 -1.49
CA GLN B 28 23.69 -5.10 -1.91
C GLN B 28 22.88 -6.17 -2.64
N ALA B 29 21.66 -6.44 -2.19
CA ALA B 29 20.86 -7.52 -2.78
C ALA B 29 20.39 -7.16 -4.19
N THR B 30 20.00 -5.91 -4.42
CA THR B 30 19.45 -5.51 -5.71
C THR B 30 20.50 -5.09 -6.72
N GLY B 31 21.72 -4.77 -6.27
CA GLY B 31 22.72 -4.22 -7.16
C GLY B 31 22.58 -2.73 -7.43
N LYS B 32 21.63 -2.08 -6.78
CA LYS B 32 21.50 -0.63 -6.90
C LYS B 32 22.15 0.05 -5.70
N PRO B 33 22.69 1.26 -5.86
CA PRO B 33 23.41 1.90 -4.75
C PRO B 33 22.45 2.36 -3.67
N PRO B 34 22.94 2.57 -2.44
CA PRO B 34 22.05 3.00 -1.35
C PRO B 34 21.24 4.23 -1.68
N GLN B 35 21.79 5.10 -2.53
CA GLN B 35 21.12 6.32 -2.96
C GLN B 35 19.75 6.05 -3.58
N TYR B 36 19.57 4.91 -4.25
CA TYR B 36 18.30 4.60 -4.88
C TYR B 36 17.30 3.92 -3.95
N ILE B 37 17.71 3.48 -2.75
CA ILE B 37 16.87 2.60 -1.92
C ILE B 37 15.99 3.43 -1.02
N ALA B 38 14.68 3.16 -1.02
CA ALA B 38 13.76 3.72 -0.06
C ALA B 38 13.19 2.62 0.82
N VAL B 39 13.06 2.90 2.11
CA VAL B 39 12.60 1.92 3.10
C VAL B 39 11.57 2.58 3.99
N HIS B 40 10.58 1.80 4.42
CA HIS B 40 9.44 2.35 5.14
C HIS B 40 8.93 1.26 6.08
N VAL B 41 8.90 1.56 7.38
CA VAL B 41 8.50 0.60 8.40
C VAL B 41 7.30 1.19 9.14
N VAL B 42 6.23 0.41 9.24
CA VAL B 42 4.98 0.85 9.84
C VAL B 42 4.63 -0.11 10.97
N PRO B 43 4.96 0.23 12.22
CA PRO B 43 4.66 -0.65 13.35
C PRO B 43 3.28 -0.38 13.93
N ASP B 44 2.92 -1.14 14.97
CA ASP B 44 1.71 -0.89 15.76
C ASP B 44 0.43 -1.12 14.95
N GLN B 45 0.49 -1.96 13.93
CA GLN B 45 -0.66 -2.13 13.05
C GLN B 45 -1.65 -3.15 13.57
N LEU B 46 -2.92 -2.93 13.24
CA LEU B 46 -4.00 -3.86 13.56
CA LEU B 46 -3.99 -3.87 13.56
C LEU B 46 -4.05 -4.89 12.44
N MET B 47 -3.45 -6.06 12.66
N MET B 47 -3.47 -6.06 12.69
CA MET B 47 -3.36 -7.05 11.60
CA MET B 47 -3.36 -7.10 11.68
C MET B 47 -3.31 -8.44 12.21
C MET B 47 -3.61 -8.45 12.29
N ALA B 48 -3.75 -9.43 11.42
CA ALA B 48 -3.78 -10.83 11.80
C ALA B 48 -3.25 -11.64 10.63
N PHE B 49 -2.69 -12.80 10.95
CA PHE B 49 -2.16 -13.73 9.98
C PHE B 49 -2.65 -15.10 10.40
N GLY B 50 -3.38 -15.79 9.54
CA GLY B 50 -3.98 -17.05 9.95
C GLY B 50 -4.98 -16.93 11.08
N GLY B 51 -5.61 -15.77 11.23
CA GLY B 51 -6.54 -15.53 12.31
C GLY B 51 -5.90 -15.14 13.62
N SER B 52 -4.58 -15.16 13.70
CA SER B 52 -3.84 -14.93 14.92
C SER B 52 -3.21 -13.54 14.92
N SER B 53 -3.20 -12.90 16.08
CA SER B 53 -2.54 -11.60 16.25
C SER B 53 -1.13 -11.72 16.81
N GLU B 54 -0.53 -12.92 16.78
CA GLU B 54 0.91 -13.03 17.06
C GLU B 54 1.69 -12.18 16.04
N PRO B 55 2.93 -11.83 16.36
CA PRO B 55 3.68 -10.95 15.45
C PRO B 55 3.68 -11.46 14.02
N CYS B 56 3.44 -10.54 13.09
CA CYS B 56 3.39 -10.86 11.67
C CYS B 56 3.78 -9.61 10.89
N ALA B 57 3.97 -9.77 9.58
CA ALA B 57 4.30 -8.64 8.73
C ALA B 57 3.76 -8.84 7.32
N LEU B 58 3.30 -7.74 6.73
CA LEU B 58 2.91 -7.68 5.32
C LEU B 58 3.80 -6.65 4.66
N CYS B 59 4.50 -7.05 3.61
CA CYS B 59 5.56 -6.24 3.04
C CYS B 59 5.46 -6.19 1.53
N SER B 60 6.19 -5.24 0.93
N SER B 60 6.16 -5.21 0.94
CA SER B 60 6.28 -5.19 -0.52
CA SER B 60 6.26 -5.02 -0.50
C SER B 60 7.66 -4.67 -0.91
C SER B 60 7.71 -4.71 -0.86
N LEU B 61 8.17 -5.21 -2.00
CA LEU B 61 9.41 -4.74 -2.61
C LEU B 61 9.12 -4.43 -4.07
N HIS B 62 9.37 -3.18 -4.45
CA HIS B 62 9.20 -2.70 -5.82
C HIS B 62 10.57 -2.39 -6.41
N SER B 63 10.80 -2.79 -7.65
CA SER B 63 12.07 -2.51 -8.30
C SER B 63 11.84 -2.49 -9.81
N ILE B 64 12.59 -1.65 -10.51
CA ILE B 64 12.61 -1.67 -11.97
C ILE B 64 13.52 -2.82 -12.37
N GLY B 65 12.95 -3.96 -12.73
CA GLY B 65 13.77 -5.14 -12.95
C GLY B 65 14.32 -5.67 -11.63
N LYS B 66 15.26 -6.60 -11.76
CA LYS B 66 15.85 -7.30 -10.62
C LYS B 66 14.81 -8.07 -9.82
N ILE B 67 13.75 -8.52 -10.49
CA ILE B 67 12.68 -9.28 -9.88
C ILE B 67 12.53 -10.56 -10.69
N GLY B 68 12.45 -11.70 -10.00
CA GLY B 68 12.27 -12.96 -10.70
C GLY B 68 12.35 -14.10 -9.70
N GLY B 69 12.15 -15.31 -10.19
CA GLY B 69 12.03 -16.45 -9.29
C GLY B 69 13.18 -16.63 -8.31
N ALA B 70 14.39 -16.73 -8.86
CA ALA B 70 15.55 -16.95 -8.01
C ALA B 70 15.87 -15.71 -7.19
N GLN B 71 15.79 -14.53 -7.81
CA GLN B 71 16.09 -13.31 -7.08
C GLN B 71 15.10 -13.12 -5.93
N ASN B 72 13.81 -13.42 -6.18
CA ASN B 72 12.82 -13.22 -5.12
C ASN B 72 12.98 -14.22 -3.99
N ARG B 73 13.39 -15.46 -4.30
CA ARG B 73 13.74 -16.38 -3.22
C ARG B 73 14.86 -15.82 -2.36
N SER B 74 15.89 -15.26 -3.01
CA SER B 74 17.00 -14.68 -2.27
C SER B 74 16.55 -13.47 -1.43
N TYR B 75 15.76 -12.57 -2.01
CA TYR B 75 15.24 -11.43 -1.25
C TYR B 75 14.44 -11.90 -0.06
N SER B 76 13.64 -12.96 -0.23
CA SER B 76 12.79 -13.41 0.86
C SER B 76 13.61 -14.00 2.00
N LYS B 77 14.65 -14.77 1.66
CA LYS B 77 15.53 -15.26 2.71
C LYS B 77 16.18 -14.10 3.46
N LEU B 78 16.66 -13.11 2.72
CA LEU B 78 17.29 -11.95 3.36
C LEU B 78 16.30 -11.21 4.26
N LEU B 79 15.11 -10.92 3.74
CA LEU B 79 14.19 -10.04 4.44
C LEU B 79 13.49 -10.75 5.58
N CYS B 80 13.09 -12.01 5.38
CA CYS B 80 12.57 -12.77 6.50
C CYS B 80 13.64 -12.94 7.58
N GLY B 81 14.90 -13.12 7.18
CA GLY B 81 15.95 -13.22 8.19
C GLY B 81 16.07 -11.96 9.01
N LEU B 82 16.02 -10.79 8.34
CA LEU B 82 16.08 -9.53 9.07
C LEU B 82 14.86 -9.35 9.97
N LEU B 83 13.68 -9.69 9.49
CA LEU B 83 12.48 -9.48 10.32
C LEU B 83 12.48 -10.42 11.52
N ALA B 84 13.01 -11.63 11.35
CA ALA B 84 13.11 -12.57 12.46
C ALA B 84 14.14 -12.09 13.47
N GLU B 85 15.33 -11.70 12.99
CA GLU B 85 16.40 -11.30 13.90
C GLU B 85 16.10 -9.99 14.61
N ARG B 86 15.58 -9.00 13.90
CA ARG B 86 15.43 -7.66 14.45
C ARG B 86 14.05 -7.42 15.06
N LEU B 87 12.98 -7.96 14.46
CA LEU B 87 11.64 -7.73 14.95
C LEU B 87 11.02 -8.94 15.63
N ARG B 88 11.72 -10.07 15.64
CA ARG B 88 11.26 -11.31 16.27
C ARG B 88 9.95 -11.82 15.66
N ILE B 89 9.83 -11.66 14.35
CA ILE B 89 8.67 -12.17 13.61
C ILE B 89 9.05 -13.49 12.97
N SER B 90 8.24 -14.52 13.17
CA SER B 90 8.49 -15.81 12.56
CA SER B 90 8.49 -15.81 12.56
C SER B 90 8.36 -15.70 11.04
N PRO B 91 9.30 -16.28 10.28
CA PRO B 91 9.23 -16.18 8.82
C PRO B 91 7.96 -16.72 8.20
N ASP B 92 7.31 -17.68 8.86
CA ASP B 92 6.05 -18.20 8.34
C ASP B 92 4.85 -17.30 8.65
N ARG B 93 5.09 -16.12 9.23
CA ARG B 93 4.06 -15.11 9.45
C ARG B 93 4.38 -13.82 8.71
N VAL B 94 5.12 -13.95 7.61
CA VAL B 94 5.52 -12.82 6.76
C VAL B 94 5.07 -13.10 5.33
N TYR B 95 4.39 -12.13 4.72
CA TYR B 95 4.19 -12.12 3.28
C TYR B 95 4.93 -10.93 2.68
N ILE B 96 5.61 -11.14 1.56
CA ILE B 96 6.27 -10.07 0.80
C ILE B 96 5.77 -10.13 -0.64
N ASN B 97 5.12 -9.06 -1.09
CA ASN B 97 4.72 -8.96 -2.49
C ASN B 97 5.82 -8.28 -3.29
N TYR B 98 6.24 -8.91 -4.38
CA TYR B 98 7.29 -8.38 -5.26
C TYR B 98 6.67 -7.78 -6.51
N TYR B 99 7.14 -6.59 -6.89
CA TYR B 99 6.62 -5.87 -8.06
C TYR B 99 7.76 -5.47 -8.96
N ASP B 100 7.74 -6.00 -10.19
CA ASP B 100 8.67 -5.59 -11.24
C ASP B 100 8.03 -4.40 -11.95
N MET B 101 8.50 -3.20 -11.65
CA MET B 101 7.93 -1.98 -12.20
C MET B 101 8.54 -1.65 -13.55
N ASN B 102 7.70 -1.26 -14.49
CA ASN B 102 8.20 -0.68 -15.72
C ASN B 102 8.75 0.71 -15.43
N ALA B 103 9.88 1.04 -16.06
CA ALA B 103 10.52 2.33 -15.80
C ALA B 103 9.57 3.50 -16.06
N ALA B 104 8.70 3.37 -17.06
CA ALA B 104 7.76 4.43 -17.37
C ALA B 104 6.70 4.62 -16.29
N ASN B 105 6.56 3.64 -15.39
CA ASN B 105 5.60 3.69 -14.31
C ASN B 105 6.23 4.02 -12.96
N VAL B 106 7.43 4.58 -12.96
CA VAL B 106 8.07 5.02 -11.73
C VAL B 106 8.47 6.48 -11.89
N GLY B 107 7.86 7.35 -11.08
CA GLY B 107 8.17 8.77 -11.10
C GLY B 107 9.17 9.13 -10.01
N TRP B 108 10.00 10.13 -10.32
CA TRP B 108 11.03 10.62 -9.42
C TRP B 108 11.54 11.94 -10.00
N ASN B 109 11.74 12.93 -9.13
CA ASN B 109 12.39 14.18 -9.54
C ASN B 109 11.74 14.81 -10.77
N ASN B 110 10.42 14.96 -10.70
CA ASN B 110 9.61 15.66 -11.70
C ASN B 110 9.42 14.90 -13.01
N SER B 111 9.93 13.69 -13.13
CA SER B 111 9.83 12.93 -14.38
C SER B 111 9.64 11.46 -14.02
N THR B 112 9.88 10.59 -14.99
CA THR B 112 9.93 9.15 -14.76
C THR B 112 11.25 8.61 -15.29
N PHE B 113 11.48 7.32 -15.04
CA PHE B 113 12.71 6.67 -15.44
C PHE B 113 12.66 6.10 -16.85
N ALA B 114 11.58 6.29 -17.59
CA ALA B 114 11.52 5.87 -18.98
C ALA B 114 12.53 6.64 -19.83
N PRO C 1 -9.64 7.35 -9.99
CA PRO C 1 -8.22 7.28 -9.66
C PRO C 1 -7.99 7.40 -8.17
N MET C 2 -6.82 6.94 -7.71
CA MET C 2 -6.49 6.93 -6.29
C MET C 2 -5.04 7.34 -6.13
N PHE C 3 -4.80 8.37 -5.32
CA PHE C 3 -3.45 8.84 -5.05
C PHE C 3 -3.18 8.71 -3.56
N ILE C 4 -2.06 8.06 -3.22
CA ILE C 4 -1.65 7.85 -1.84
C ILE C 4 -0.25 8.44 -1.67
N VAL C 5 -0.04 9.21 -0.60
CA VAL C 5 1.28 9.72 -0.26
CA VAL C 5 1.26 9.76 -0.24
C VAL C 5 1.60 9.29 1.17
N ASN C 6 2.74 8.61 1.31
N ASN C 6 2.73 8.59 1.31
CA ASN C 6 3.28 8.26 2.62
CA ASN C 6 3.27 8.28 2.62
C ASN C 6 4.54 9.10 2.83
C ASN C 6 4.52 9.12 2.82
N THR C 7 4.62 9.79 3.96
CA THR C 7 5.72 10.73 4.16
C THR C 7 6.11 10.79 5.62
N ASN C 8 7.39 11.13 5.85
CA ASN C 8 7.89 11.41 7.19
C ASN C 8 7.62 12.85 7.62
N VAL C 9 7.08 13.69 6.76
CA VAL C 9 6.69 15.05 7.17
C VAL C 9 5.65 14.96 8.28
N PRO C 10 5.70 15.79 9.32
CA PRO C 10 4.74 15.67 10.42
C PRO C 10 3.34 16.15 10.03
N ARG C 11 2.35 15.62 10.75
CA ARG C 11 0.95 15.93 10.46
C ARG C 11 0.67 17.44 10.44
N ALA C 12 1.25 18.18 11.39
CA ALA C 12 0.96 19.61 11.46
C ALA C 12 1.47 20.37 10.24
N SER C 13 2.37 19.79 9.47
CA SER C 13 2.91 20.44 8.28
C SER C 13 2.09 20.14 7.02
N VAL C 14 1.06 19.31 7.12
CA VAL C 14 0.12 19.09 6.02
C VAL C 14 -0.90 20.22 6.06
N PRO C 15 -0.94 21.10 5.08
CA PRO C 15 -1.83 22.28 5.20
C PRO C 15 -3.28 21.91 5.04
N ASP C 16 -4.14 22.67 5.71
CA ASP C 16 -5.57 22.54 5.49
C ASP C 16 -5.87 22.80 4.02
N GLY C 17 -6.75 21.99 3.47
CA GLY C 17 -7.08 22.09 2.07
C GLY C 17 -6.24 21.22 1.15
N PHE C 18 -5.21 20.54 1.68
CA PHE C 18 -4.34 19.74 0.82
C PHE C 18 -5.11 18.62 0.12
N LEU C 19 -5.98 17.89 0.84
CA LEU C 19 -6.73 16.82 0.20
C LEU C 19 -7.62 17.36 -0.92
N SER C 20 -8.26 18.52 -0.68
CA SER C 20 -9.12 19.10 -1.71
C SER C 20 -8.32 19.58 -2.91
N GLU C 21 -7.11 20.13 -2.67
CA GLU C 21 -6.26 20.54 -3.78
C GLU C 21 -5.81 19.34 -4.60
N LEU C 22 -5.37 18.27 -3.93
CA LEU C 22 -5.02 17.05 -4.66
C LEU C 22 -6.19 16.54 -5.48
N THR C 23 -7.41 16.56 -4.90
CA THR C 23 -8.58 16.09 -5.63
C THR C 23 -8.82 16.88 -6.90
N GLN C 24 -8.81 18.21 -6.79
CA GLN C 24 -9.09 19.04 -7.95
C GLN C 24 -7.98 18.91 -9.00
N GLN C 25 -6.72 18.90 -8.55
CA GLN C 25 -5.62 18.84 -9.50
C GLN C 25 -5.57 17.51 -10.22
N LEU C 26 -5.88 16.41 -9.52
CA LEU C 26 -5.88 15.10 -10.16
C LEU C 26 -7.09 14.92 -11.06
N ALA C 27 -8.25 15.48 -10.68
CA ALA C 27 -9.37 15.47 -11.60
C ALA C 27 -9.00 16.14 -12.91
N GLN C 28 -8.38 17.32 -12.83
CA GLN C 28 -7.95 18.02 -14.03
C GLN C 28 -6.92 17.19 -14.82
N ALA C 29 -5.95 16.60 -14.12
CA ALA C 29 -4.85 15.92 -14.82
C ALA C 29 -5.29 14.63 -15.48
N THR C 30 -6.19 13.87 -14.84
CA THR C 30 -6.64 12.60 -15.40
C THR C 30 -7.82 12.76 -16.36
N GLY C 31 -8.47 13.91 -16.38
CA GLY C 31 -9.64 14.10 -17.22
C GLY C 31 -10.89 13.43 -16.72
N LYS C 32 -10.89 12.88 -15.47
CA LYS C 32 -12.03 12.20 -14.87
C LYS C 32 -12.75 13.13 -13.90
N PRO C 33 -14.04 12.90 -13.65
CA PRO C 33 -14.79 13.75 -12.72
C PRO C 33 -14.23 13.65 -11.31
N PRO C 34 -14.22 14.75 -10.57
CA PRO C 34 -13.71 14.72 -9.18
C PRO C 34 -14.39 13.69 -8.32
N GLN C 35 -15.65 13.34 -8.62
CA GLN C 35 -16.39 12.35 -7.85
C GLN C 35 -15.70 11.00 -7.81
N TYR C 36 -14.82 10.70 -8.75
CA TYR C 36 -14.12 9.43 -8.80
C TYR C 36 -12.72 9.48 -8.20
N ILE C 37 -12.25 10.65 -7.76
CA ILE C 37 -10.87 10.79 -7.30
C ILE C 37 -10.81 10.52 -5.81
N ALA C 38 -9.95 9.59 -5.39
CA ALA C 38 -9.68 9.33 -3.99
C ALA C 38 -8.25 9.74 -3.66
N VAL C 39 -8.06 10.36 -2.50
CA VAL C 39 -6.76 10.84 -2.07
C VAL C 39 -6.52 10.43 -0.62
N HIS C 40 -5.27 10.16 -0.29
CA HIS C 40 -4.92 9.58 1.01
C HIS C 40 -3.52 10.04 1.36
N VAL C 41 -3.38 10.72 2.50
CA VAL C 41 -2.11 11.29 2.93
C VAL C 41 -1.77 10.69 4.29
N VAL C 42 -0.56 10.15 4.42
CA VAL C 42 -0.13 9.46 5.63
C VAL C 42 1.16 10.10 6.12
N PRO C 43 1.07 11.03 7.08
CA PRO C 43 2.26 11.71 7.60
C PRO C 43 2.92 10.94 8.73
N ASP C 44 4.02 11.48 9.26
CA ASP C 44 4.66 10.98 10.47
C ASP C 44 5.25 9.58 10.30
N GLN C 45 5.59 9.19 9.08
CA GLN C 45 6.05 7.84 8.83
C GLN C 45 7.55 7.67 9.09
N LEU C 46 7.90 6.47 9.55
CA LEU C 46 9.28 6.05 9.76
C LEU C 46 9.79 5.54 8.42
N MET C 47 10.54 6.38 7.71
N MET C 47 10.53 6.39 7.71
CA MET C 47 10.99 6.02 6.37
CA MET C 47 11.02 6.04 6.39
C MET C 47 12.29 6.75 6.06
C MET C 47 12.41 6.64 6.19
N ALA C 48 13.06 6.17 5.14
CA ALA C 48 14.31 6.74 4.67
C ALA C 48 14.35 6.64 3.15
N PHE C 49 15.08 7.57 2.53
CA PHE C 49 15.26 7.62 1.10
C PHE C 49 16.75 7.84 0.87
N GLY C 50 17.41 6.92 0.19
CA GLY C 50 18.84 7.02 0.00
C GLY C 50 19.61 6.92 1.30
N GLY C 51 19.05 6.26 2.30
CA GLY C 51 19.66 6.12 3.61
C GLY C 51 19.41 7.29 4.53
N SER C 52 18.73 8.32 4.06
CA SER C 52 18.56 9.57 4.78
C SER C 52 17.12 9.74 5.23
N SER C 53 16.93 10.27 6.43
CA SER C 53 15.62 10.57 7.00
C SER C 53 15.20 12.03 6.81
N GLU C 54 15.86 12.77 5.93
CA GLU C 54 15.35 14.07 5.53
C GLU C 54 13.98 13.87 4.87
N PRO C 55 13.18 14.93 4.75
CA PRO C 55 11.82 14.76 4.21
C PRO C 55 11.80 14.04 2.87
N CYS C 56 10.88 13.08 2.75
CA CYS C 56 10.76 12.26 1.55
C CYS C 56 9.32 11.78 1.45
N ALA C 57 8.98 11.19 0.30
CA ALA C 57 7.63 10.68 0.12
C ALA C 57 7.65 9.46 -0.78
N LEU C 58 6.84 8.46 -0.44
CA LEU C 58 6.61 7.29 -1.27
C LEU C 58 5.13 7.30 -1.63
N CYS C 59 4.82 7.30 -2.93
CA CYS C 59 3.48 7.59 -3.39
C CYS C 59 3.05 6.57 -4.44
N SER C 60 1.75 6.51 -4.68
N SER C 60 1.74 6.49 -4.64
CA SER C 60 1.24 5.70 -5.76
CA SER C 60 1.15 5.65 -5.67
C SER C 60 0.02 6.38 -6.37
C SER C 60 0.04 6.43 -6.36
N LEU C 61 -0.12 6.20 -7.67
CA LEU C 61 -1.29 6.63 -8.42
C LEU C 61 -1.83 5.44 -9.17
N HIS C 62 -3.06 5.03 -8.84
CA HIS C 62 -3.76 3.97 -9.55
C HIS C 62 -4.89 4.60 -10.35
N SER C 63 -5.08 4.12 -11.58
CA SER C 63 -6.19 4.59 -12.39
C SER C 63 -6.56 3.52 -13.38
N ILE C 64 -7.85 3.45 -13.72
CA ILE C 64 -8.30 2.63 -14.84
C ILE C 64 -8.00 3.44 -16.10
N GLY C 65 -6.91 3.10 -16.79
CA GLY C 65 -6.45 3.91 -17.91
C GLY C 65 -5.88 5.25 -17.44
N LYS C 66 -5.61 6.11 -18.43
CA LYS C 66 -4.96 7.40 -18.19
C LYS C 66 -3.57 7.24 -17.57
N ILE C 67 -2.91 6.12 -17.86
CA ILE C 67 -1.58 5.83 -17.36
C ILE C 67 -0.71 5.49 -18.57
N GLY C 68 0.45 6.12 -18.67
CA GLY C 68 1.33 5.87 -19.81
C GLY C 68 2.55 6.75 -19.73
N GLY C 69 3.44 6.60 -20.71
CA GLY C 69 4.73 7.26 -20.67
C GLY C 69 4.68 8.77 -20.48
N ALA C 70 4.06 9.46 -21.44
CA ALA C 70 3.97 10.91 -21.36
C ALA C 70 3.05 11.35 -20.23
N GLN C 71 1.93 10.64 -20.05
CA GLN C 71 1.01 11.01 -18.99
C GLN C 71 1.68 10.93 -17.63
N ASN C 72 2.46 9.86 -17.40
CA ASN C 72 3.11 9.70 -16.10
C ASN C 72 4.21 10.73 -15.90
N ARG C 73 4.91 11.14 -16.97
CA ARG C 73 5.85 12.25 -16.80
C ARG C 73 5.13 13.51 -16.34
N SER C 74 3.97 13.80 -16.95
CA SER C 74 3.19 14.97 -16.55
C SER C 74 2.69 14.87 -15.12
N TYR C 75 2.17 13.70 -14.74
CA TYR C 75 1.72 13.51 -13.35
C TYR C 75 2.87 13.69 -12.38
N SER C 76 4.07 13.22 -12.75
CA SER C 76 5.20 13.33 -11.84
C SER C 76 5.60 14.79 -11.63
N LYS C 77 5.60 15.57 -12.71
CA LYS C 77 5.87 17.00 -12.57
C LYS C 77 4.81 17.66 -11.68
N LEU C 78 3.54 17.35 -11.93
CA LEU C 78 2.46 17.94 -11.14
C LEU C 78 2.57 17.58 -9.67
N LEU C 79 2.71 16.28 -9.39
CA LEU C 79 2.66 15.80 -8.02
C LEU C 79 3.92 16.16 -7.24
N CYS C 80 5.10 16.05 -7.86
CA CYS C 80 6.30 16.53 -7.20
C CYS C 80 6.19 18.02 -6.92
N GLY C 81 5.60 18.78 -7.85
CA GLY C 81 5.43 20.20 -7.59
C GLY C 81 4.56 20.47 -6.38
N LEU C 82 3.45 19.74 -6.26
CA LEU C 82 2.56 19.89 -5.11
C LEU C 82 3.26 19.48 -3.81
N LEU C 83 4.02 18.38 -3.84
CA LEU C 83 4.69 17.93 -2.62
C LEU C 83 5.78 18.92 -2.20
N ALA C 84 6.46 19.52 -3.17
CA ALA C 84 7.49 20.51 -2.86
C ALA C 84 6.87 21.79 -2.31
N GLU C 85 5.81 22.28 -2.96
CA GLU C 85 5.22 23.55 -2.53
C GLU C 85 4.49 23.41 -1.20
N ARG C 86 3.72 22.34 -1.01
CA ARG C 86 2.86 22.22 0.16
C ARG C 86 3.52 21.50 1.32
N LEU C 87 4.35 20.46 1.06
CA LEU C 87 4.96 19.69 2.13
C LEU C 87 6.45 19.95 2.28
N ARG C 88 7.03 20.76 1.40
CA ARG C 88 8.44 21.10 1.45
C ARG C 88 9.34 19.89 1.25
N ILE C 89 8.91 18.96 0.39
CA ILE C 89 9.69 17.76 0.08
C ILE C 89 10.37 17.96 -1.26
N SER C 90 11.69 17.73 -1.30
N SER C 90 11.69 17.73 -1.30
CA SER C 90 12.42 17.89 -2.54
CA SER C 90 12.43 17.89 -2.54
C SER C 90 11.98 16.83 -3.56
C SER C 90 11.98 16.83 -3.55
N PRO C 91 11.77 17.22 -4.81
CA PRO C 91 11.36 16.23 -5.83
C PRO C 91 12.31 15.04 -5.98
N ASP C 92 13.60 15.21 -5.69
CA ASP C 92 14.53 14.10 -5.79
C ASP C 92 14.48 13.17 -4.59
N ARG C 93 13.52 13.39 -3.69
CA ARG C 93 13.27 12.50 -2.56
C ARG C 93 11.83 12.00 -2.59
N VAL C 94 11.28 11.88 -3.79
CA VAL C 94 9.92 11.39 -4.01
C VAL C 94 9.97 10.25 -5.02
N TYR C 95 9.34 9.13 -4.68
CA TYR C 95 9.01 8.11 -5.66
C TYR C 95 7.50 8.03 -5.82
N ILE C 96 7.04 7.88 -7.05
CA ILE C 96 5.62 7.66 -7.36
C ILE C 96 5.51 6.41 -8.23
N ASN C 97 4.81 5.40 -7.74
CA ASN C 97 4.55 4.20 -8.54
C ASN C 97 3.19 4.34 -9.20
N TYR C 98 3.13 4.11 -10.50
CA TYR C 98 1.91 4.26 -11.29
C TYR C 98 1.38 2.87 -11.63
N TYR C 99 0.04 2.72 -11.56
CA TYR C 99 -0.62 1.45 -11.82
C TYR C 99 -1.81 1.68 -12.74
N ASP C 100 -1.77 1.05 -13.91
CA ASP C 100 -2.89 1.04 -14.85
C ASP C 100 -3.74 -0.18 -14.48
N MET C 101 -4.86 0.05 -13.80
CA MET C 101 -5.73 -1.03 -13.34
C MET C 101 -6.75 -1.43 -14.40
N ASN C 102 -6.98 -2.73 -14.54
CA ASN C 102 -8.08 -3.20 -15.35
CA ASN C 102 -8.08 -3.20 -15.35
C ASN C 102 -9.39 -3.01 -14.60
N ALA C 103 -10.45 -2.62 -15.33
CA ALA C 103 -11.73 -2.34 -14.71
C ALA C 103 -12.24 -3.53 -13.90
N ALA C 104 -11.99 -4.75 -14.36
CA ALA C 104 -12.46 -5.92 -13.62
C ALA C 104 -11.74 -6.11 -12.29
N ASN C 105 -10.62 -5.41 -12.09
CA ASN C 105 -9.81 -5.54 -10.89
C ASN C 105 -9.97 -4.36 -9.94
N VAL C 106 -11.04 -3.57 -10.11
CA VAL C 106 -11.34 -2.46 -9.22
C VAL C 106 -12.77 -2.63 -8.72
N GLY C 107 -12.90 -2.93 -7.43
CA GLY C 107 -14.20 -3.00 -6.81
C GLY C 107 -14.69 -1.66 -6.31
N TRP C 108 -16.01 -1.48 -6.36
CA TRP C 108 -16.68 -0.25 -5.98
C TRP C 108 -18.17 -0.53 -5.94
N ASN C 109 -18.86 -0.02 -4.91
CA ASN C 109 -20.32 -0.05 -4.89
CA ASN C 109 -20.32 -0.06 -4.87
C ASN C 109 -20.87 -1.47 -5.08
N ASN C 110 -20.32 -2.43 -4.35
CA ASN C 110 -20.78 -3.82 -4.31
C ASN C 110 -20.47 -4.62 -5.56
N SER C 111 -19.69 -4.08 -6.50
CA SER C 111 -19.38 -4.77 -7.74
C SER C 111 -17.99 -4.32 -8.19
N THR C 112 -17.71 -4.45 -9.48
CA THR C 112 -16.49 -3.87 -10.04
C THR C 112 -16.86 -2.93 -11.17
N PHE C 113 -15.86 -2.29 -11.74
CA PHE C 113 -16.10 -1.40 -12.87
C PHE C 113 -16.18 -2.14 -14.20
N ALA C 114 -16.03 -3.46 -14.22
CA ALA C 114 -16.09 -4.21 -15.48
C ALA C 114 -17.43 -4.06 -16.18
#